data_4WNE
#
_entry.id   4WNE
#
_cell.length_a   91.784
_cell.length_b   91.784
_cell.length_c   176.783
_cell.angle_alpha   90.000
_cell.angle_beta   90.000
_cell.angle_gamma   120.000
#
_symmetry.space_group_name_H-M   'P 61 2 2'
#
loop_
_entity.id
_entity.type
_entity.pdbx_description
1 polymer 'G-protein-signaling modulator 2'
2 polymer 'Peptide from FERM and PDZ domain-containing protein 4'
3 water water
#
loop_
_entity_poly.entity_id
_entity_poly.type
_entity_poly.pdbx_seq_one_letter_code
_entity_poly.pdbx_strand_id
1 'polypeptide(L)'
;GPGSMEASCLELALEGERLCKSGDCRAGVSFFEAAVQVGTEDLKTLSAIYSQLGNAYFYLHDYAKALEYHHHDLTLARTI
GDQLGEAKASGNLGNTLKVLGNFDEAIVCCQRHLDISRELNDKVGEARALYNLGNVYHAKGKSFGCPGPQDVGEFPEEVR
DALQAAVDFYEENLSLVTALGDRAAQGRAFGNLGNTHYLLGNFRDAVIAHEQRLLIAKEFGDKAAERRAYSNLGNAYIFL
GEFETASEYYKKTLLLARQLKDRAVEAQSCYSLGNTYTLLQDYEKAIDYHLKHLAIAQELNDRIGEGRACWSLGNAYTAL
GNHDQAMHFAEKHLEISREVGDKSGELTARLNLSDLQMVLGLSYSTNNSIMSENTEIDSSLNGVRPKLGRRHSMENMELM
KLTPEK
;
A
2 'polypeptide(L)' KQLLHSDHMEMEPETMETKSVTDYF B
#
# COMPACT_ATOMS: atom_id res chain seq x y z
N SER A 4 37.59 0.87 -21.21
CA SER A 4 37.64 -0.06 -20.03
C SER A 4 36.26 -0.64 -19.66
N MET A 5 36.28 -1.71 -18.87
CA MET A 5 35.06 -2.31 -18.34
C MET A 5 34.36 -1.34 -17.40
N GLU A 6 35.12 -0.73 -16.49
CA GLU A 6 34.53 0.17 -15.51
C GLU A 6 33.73 1.30 -16.14
N ALA A 7 34.21 1.85 -17.26
CA ALA A 7 33.55 2.99 -17.89
C ALA A 7 32.27 2.58 -18.61
N SER A 8 32.32 1.50 -19.37
CA SER A 8 31.11 0.92 -19.96
C SER A 8 30.08 0.52 -18.88
N CYS A 9 30.56 0.00 -17.75
CA CYS A 9 29.64 -0.41 -16.69
C CYS A 9 28.87 0.79 -16.20
N LEU A 10 29.57 1.89 -15.91
CA LEU A 10 28.91 3.12 -15.47
C LEU A 10 27.94 3.67 -16.51
N GLU A 11 28.33 3.62 -17.78
CA GLU A 11 27.47 4.15 -18.85
C GLU A 11 26.15 3.40 -18.90
N LEU A 12 26.24 2.07 -18.82
CA LEU A 12 25.06 1.20 -18.82
C LEU A 12 24.20 1.44 -17.59
N ALA A 13 24.84 1.59 -16.45
CA ALA A 13 24.11 1.84 -15.21
C ALA A 13 23.37 3.16 -15.25
N LEU A 14 24.01 4.19 -15.81
CA LEU A 14 23.36 5.51 -15.92
C LEU A 14 22.08 5.43 -16.72
N GLU A 15 22.12 4.64 -17.80
CA GLU A 15 20.96 4.48 -18.65
C GLU A 15 19.88 3.68 -17.93
N GLY A 16 20.29 2.67 -17.16
CA GLY A 16 19.37 1.95 -16.31
C GLY A 16 18.61 2.90 -15.39
N GLU A 17 19.33 3.78 -14.72
CA GLU A 17 18.72 4.73 -13.79
C GLU A 17 17.81 5.72 -14.49
N ARG A 18 18.21 6.17 -15.69
CA ARG A 18 17.38 7.08 -16.46
C ARG A 18 16.08 6.41 -16.79
N LEU A 19 16.16 5.19 -17.31
CA LEU A 19 14.96 4.49 -17.73
C LEU A 19 14.02 4.17 -16.55
N CYS A 20 14.56 3.77 -15.41
CA CYS A 20 13.71 3.48 -14.24
C CYS A 20 13.02 4.75 -13.74
N LYS A 21 13.76 5.86 -13.65
CA LYS A 21 13.18 7.14 -13.22
C LYS A 21 12.07 7.60 -14.18
N SER A 22 12.26 7.41 -15.48
CA SER A 22 11.23 7.71 -16.47
C SER A 22 10.05 6.72 -16.41
N GLY A 23 10.12 5.72 -15.53
CA GLY A 23 9.04 4.75 -15.37
C GLY A 23 9.06 3.58 -16.34
N ASP A 24 10.22 3.29 -16.91
CA ASP A 24 10.36 2.10 -17.76
C ASP A 24 11.29 1.12 -17.03
N CYS A 25 10.74 0.48 -16.01
CA CYS A 25 11.48 -0.44 -15.18
C CYS A 25 11.92 -1.67 -15.96
N ARG A 26 11.08 -2.15 -16.87
CA ARG A 26 11.45 -3.32 -17.68
C ARG A 26 12.72 -3.07 -18.50
N ALA A 27 12.75 -1.94 -19.21
CA ALA A 27 13.91 -1.58 -20.02
C ALA A 27 15.09 -1.31 -19.11
N GLY A 28 14.86 -0.63 -17.99
CA GLY A 28 15.94 -0.29 -17.08
C GLY A 28 16.64 -1.48 -16.42
N VAL A 29 15.85 -2.46 -16.01
CA VAL A 29 16.38 -3.73 -15.50
C VAL A 29 17.41 -4.35 -16.45
N SER A 30 17.09 -4.39 -17.75
CA SER A 30 18.02 -4.97 -18.73
C SER A 30 19.35 -4.23 -18.78
N PHE A 31 19.30 -2.90 -18.68
CA PHE A 31 20.55 -2.13 -18.65
C PHE A 31 21.37 -2.40 -17.39
N PHE A 32 20.70 -2.55 -16.25
CA PHE A 32 21.40 -2.87 -15.02
C PHE A 32 21.98 -4.27 -15.14
N GLU A 33 21.24 -5.19 -15.74
CA GLU A 33 21.75 -6.53 -15.97
C GLU A 33 22.88 -6.57 -17.00
N ALA A 34 22.83 -5.71 -18.02
CA ALA A 34 23.98 -5.55 -18.96
C ALA A 34 25.19 -5.03 -18.23
N ALA A 35 24.97 -4.07 -17.33
CA ALA A 35 26.04 -3.50 -16.55
C ALA A 35 26.73 -4.53 -15.64
N VAL A 36 25.92 -5.42 -15.06
CA VAL A 36 26.45 -6.51 -14.24
C VAL A 36 27.26 -7.47 -15.11
N GLN A 37 26.73 -7.76 -16.30
CA GLN A 37 27.41 -8.61 -17.28
C GLN A 37 28.80 -8.08 -17.65
N VAL A 38 28.90 -6.77 -17.90
CA VAL A 38 30.19 -6.15 -18.25
C VAL A 38 31.11 -6.15 -17.03
N GLY A 39 30.55 -5.79 -15.89
CA GLY A 39 31.26 -5.92 -14.63
C GLY A 39 32.13 -4.73 -14.32
N THR A 40 32.70 -4.74 -13.12
CA THR A 40 33.48 -3.62 -12.62
C THR A 40 34.17 -4.02 -11.33
N GLU A 41 35.34 -3.46 -11.10
CA GLU A 41 36.10 -3.69 -9.87
C GLU A 41 35.59 -2.83 -8.73
N ASP A 42 34.78 -1.83 -9.02
CA ASP A 42 34.32 -0.94 -7.98
C ASP A 42 33.09 -1.59 -7.35
N LEU A 43 33.29 -2.20 -6.19
CA LEU A 43 32.24 -2.94 -5.48
C LEU A 43 31.15 -2.01 -4.97
N LYS A 44 31.53 -0.79 -4.69
CA LYS A 44 30.59 0.25 -4.32
C LYS A 44 29.56 0.51 -5.43
N THR A 45 30.03 0.63 -6.65
CA THR A 45 29.16 0.84 -7.81
C THR A 45 28.26 -0.37 -8.01
N LEU A 46 28.85 -1.55 -7.94
CA LEU A 46 28.11 -2.80 -8.12
C LEU A 46 26.96 -2.95 -7.11
N SER A 47 27.25 -2.59 -5.87
CA SER A 47 26.28 -2.59 -4.80
C SER A 47 25.07 -1.72 -5.14
N ALA A 48 25.32 -0.52 -5.66
CA ALA A 48 24.23 0.38 -6.04
C ALA A 48 23.42 -0.16 -7.22
N ILE A 49 24.08 -0.89 -8.13
CA ILE A 49 23.36 -1.55 -9.21
C ILE A 49 22.46 -2.69 -8.68
N TYR A 50 22.96 -3.51 -7.76
CA TYR A 50 22.13 -4.57 -7.17
C TYR A 50 20.91 -3.98 -6.49
N SER A 51 21.09 -2.88 -5.75
CA SER A 51 20.04 -2.25 -4.99
C SER A 51 18.95 -1.72 -5.93
N GLN A 52 19.38 -1.12 -7.03
CA GLN A 52 18.45 -0.65 -8.05
C GLN A 52 17.73 -1.77 -8.77
N LEU A 53 18.42 -2.89 -9.03
CA LEU A 53 17.72 -4.05 -9.56
C LEU A 53 16.67 -4.57 -8.60
N GLY A 54 17.04 -4.66 -7.32
CA GLY A 54 16.14 -5.13 -6.29
C GLY A 54 14.86 -4.32 -6.27
N ASN A 55 14.99 -3.00 -6.25
CA ASN A 55 13.85 -2.10 -6.21
C ASN A 55 13.02 -2.18 -7.50
N ALA A 56 13.70 -2.27 -8.64
CA ALA A 56 13.00 -2.35 -9.91
C ALA A 56 12.17 -3.62 -9.98
N TYR A 57 12.74 -4.75 -9.54
CA TYR A 57 11.98 -6.00 -9.55
C TYR A 57 10.84 -5.96 -8.54
N PHE A 58 11.09 -5.31 -7.40
CA PHE A 58 10.03 -5.08 -6.39
C PHE A 58 8.86 -4.34 -7.01
N TYR A 59 9.13 -3.25 -7.73
CA TYR A 59 8.04 -2.47 -8.35
C TYR A 59 7.36 -3.24 -9.50
N LEU A 60 8.08 -4.16 -10.14
CA LEU A 60 7.48 -5.06 -11.12
C LEU A 60 6.78 -6.27 -10.49
N HIS A 61 6.69 -6.29 -9.16
CA HIS A 61 6.06 -7.38 -8.42
C HIS A 61 6.76 -8.73 -8.58
N ASP A 62 8.05 -8.73 -8.91
CA ASP A 62 8.80 -9.99 -8.85
C ASP A 62 9.56 -9.99 -7.53
N TYR A 63 8.85 -10.36 -6.47
CA TYR A 63 9.40 -10.17 -5.12
C TYR A 63 10.54 -11.16 -4.83
N ALA A 64 10.48 -12.35 -5.43
CA ALA A 64 11.53 -13.36 -5.24
C ALA A 64 12.86 -12.83 -5.79
N LYS A 65 12.80 -12.14 -6.93
CA LYS A 65 14.00 -11.57 -7.52
C LYS A 65 14.48 -10.36 -6.76
N ALA A 66 13.54 -9.58 -6.25
CA ALA A 66 13.89 -8.44 -5.44
C ALA A 66 14.70 -8.86 -4.25
N LEU A 67 14.28 -9.93 -3.57
CA LEU A 67 14.92 -10.43 -2.37
C LEU A 67 16.37 -10.86 -2.67
N GLU A 68 16.53 -11.60 -3.78
CA GLU A 68 17.85 -12.08 -4.20
C GLU A 68 18.80 -10.90 -4.37
N TYR A 69 18.38 -9.86 -5.10
CA TYR A 69 19.25 -8.71 -5.32
C TYR A 69 19.49 -7.87 -4.08
N HIS A 70 18.47 -7.67 -3.25
CA HIS A 70 18.76 -6.97 -1.99
C HIS A 70 19.72 -7.74 -1.05
N HIS A 71 19.67 -9.05 -1.07
CA HIS A 71 20.57 -9.89 -0.26
C HIS A 71 22.03 -9.78 -0.75
N HIS A 72 22.22 -9.75 -2.08
CA HIS A 72 23.55 -9.49 -2.64
C HIS A 72 24.07 -8.12 -2.22
N ASP A 73 23.18 -7.11 -2.25
CA ASP A 73 23.55 -5.76 -1.86
C ASP A 73 23.92 -5.74 -0.37
N LEU A 74 23.08 -6.34 0.44
CA LEU A 74 23.39 -6.40 1.89
C LEU A 74 24.78 -7.03 2.14
N THR A 75 25.05 -8.14 1.47
CA THR A 75 26.30 -8.85 1.65
C THR A 75 27.50 -8.00 1.20
N LEU A 76 27.40 -7.39 0.04
CA LEU A 76 28.47 -6.53 -0.48
C LEU A 76 28.68 -5.32 0.43
N ALA A 77 27.59 -4.82 1.03
CA ALA A 77 27.70 -3.68 1.94
C ALA A 77 28.53 -4.04 3.18
N ARG A 78 28.41 -5.28 3.61
CA ARG A 78 29.22 -5.77 4.72
C ARG A 78 30.65 -6.00 4.26
N THR A 79 30.82 -6.63 3.11
CA THR A 79 32.16 -6.85 2.52
C THR A 79 32.98 -5.59 2.55
N ILE A 80 32.40 -4.48 2.11
CA ILE A 80 33.15 -3.24 1.99
C ILE A 80 33.00 -2.31 3.21
N GLY A 81 32.21 -2.71 4.18
CA GLY A 81 32.07 -1.94 5.41
C GLY A 81 31.32 -0.63 5.21
N ASP A 82 30.37 -0.62 4.29
CA ASP A 82 29.54 0.57 4.05
C ASP A 82 28.31 0.49 4.95
N GLN A 83 28.38 1.12 6.11
CA GLN A 83 27.30 1.00 7.09
C GLN A 83 25.97 1.60 6.62
N LEU A 84 26.04 2.73 5.95
CA LEU A 84 24.83 3.36 5.41
C LEU A 84 24.17 2.43 4.39
N GLY A 85 24.99 1.88 3.49
CA GLY A 85 24.52 0.93 2.47
C GLY A 85 23.97 -0.36 3.06
N GLU A 86 24.58 -0.83 4.15
CA GLU A 86 24.07 -1.98 4.89
C GLU A 86 22.68 -1.69 5.49
N ALA A 87 22.55 -0.52 6.09
CA ALA A 87 21.27 -0.11 6.67
C ALA A 87 20.19 -0.09 5.59
N LYS A 88 20.49 0.55 4.45
CA LYS A 88 19.53 0.64 3.35
C LYS A 88 19.14 -0.73 2.79
N ALA A 89 20.13 -1.58 2.53
CA ALA A 89 19.84 -2.90 2.02
C ALA A 89 18.99 -3.72 2.98
N SER A 90 19.23 -3.57 4.29
CA SER A 90 18.41 -4.25 5.28
C SER A 90 16.96 -3.80 5.28
N GLY A 91 16.73 -2.50 5.15
CA GLY A 91 15.35 -1.99 5.09
C GLY A 91 14.64 -2.55 3.85
N ASN A 92 15.36 -2.57 2.76
CA ASN A 92 14.81 -3.08 1.51
C ASN A 92 14.47 -4.57 1.55
N LEU A 93 15.35 -5.33 2.18
CA LEU A 93 15.14 -6.76 2.35
C LEU A 93 13.95 -6.96 3.27
N GLY A 94 13.86 -6.15 4.33
CA GLY A 94 12.76 -6.30 5.30
C GLY A 94 11.43 -6.03 4.64
N ASN A 95 11.35 -4.98 3.83
CA ASN A 95 10.12 -4.64 3.13
C ASN A 95 9.70 -5.73 2.14
N THR A 96 10.68 -6.33 1.46
CA THR A 96 10.43 -7.44 0.50
C THR A 96 9.95 -8.69 1.25
N LEU A 97 10.58 -9.00 2.39
CA LEU A 97 10.13 -10.11 3.23
C LEU A 97 8.71 -9.91 3.75
N LYS A 98 8.38 -8.67 4.10
CA LYS A 98 7.04 -8.35 4.55
C LYS A 98 5.98 -8.66 3.47
N VAL A 99 6.22 -8.22 2.25
CA VAL A 99 5.31 -8.52 1.14
C VAL A 99 5.19 -10.02 0.91
N LEU A 100 6.30 -10.75 1.02
CA LEU A 100 6.31 -12.20 0.87
C LEU A 100 5.70 -12.94 2.06
N GLY A 101 5.30 -12.23 3.11
CA GLY A 101 4.70 -12.88 4.29
C GLY A 101 5.66 -13.47 5.30
N ASN A 102 6.96 -13.12 5.21
CA ASN A 102 7.96 -13.62 6.15
C ASN A 102 8.27 -12.57 7.23
N PHE A 103 7.33 -12.41 8.16
CA PHE A 103 7.33 -11.28 9.07
C PHE A 103 8.40 -11.33 10.12
N ASP A 104 8.76 -12.52 10.61
CA ASP A 104 9.81 -12.61 11.64
C ASP A 104 11.13 -12.10 11.11
N GLU A 105 11.52 -12.56 9.93
CA GLU A 105 12.79 -12.09 9.37
C GLU A 105 12.67 -10.63 8.93
N ALA A 106 11.50 -10.24 8.44
CA ALA A 106 11.28 -8.83 8.04
C ALA A 106 11.56 -7.88 9.22
N ILE A 107 11.04 -8.24 10.39
CA ILE A 107 11.27 -7.46 11.61
C ILE A 107 12.77 -7.31 11.92
N VAL A 108 13.49 -8.42 11.89
CA VAL A 108 14.93 -8.36 12.15
C VAL A 108 15.61 -7.44 11.17
N CYS A 109 15.31 -7.58 9.88
CA CYS A 109 15.99 -6.71 8.90
C CYS A 109 15.63 -5.23 9.07
N CYS A 110 14.35 -4.96 9.30
CA CYS A 110 13.93 -3.55 9.42
C CYS A 110 14.53 -2.95 10.72
N GLN A 111 14.62 -3.77 11.76
CA GLN A 111 15.22 -3.34 13.02
C GLN A 111 16.70 -3.00 12.84
N ARG A 112 17.40 -3.74 11.97
CA ARG A 112 18.80 -3.42 11.69
C ARG A 112 18.95 -2.07 10.98
N HIS A 113 18.05 -1.77 10.05
CA HIS A 113 18.03 -0.47 9.36
C HIS A 113 17.92 0.69 10.36
N LEU A 114 17.04 0.52 11.33
CA LEU A 114 16.85 1.47 12.40
C LEU A 114 18.09 1.60 13.31
N ASP A 115 18.56 0.46 13.82
CA ASP A 115 19.70 0.48 14.77
C ASP A 115 20.89 1.14 14.12
N ILE A 116 21.18 0.76 12.88
CA ILE A 116 22.31 1.41 12.19
C ILE A 116 22.07 2.89 11.95
N SER A 117 20.84 3.27 11.62
CA SER A 117 20.52 4.68 11.38
C SER A 117 20.76 5.52 12.66
N ARG A 118 20.41 4.97 13.81
CA ARG A 118 20.65 5.66 15.09
C ARG A 118 22.15 5.78 15.33
N GLU A 119 22.88 4.67 15.23
CA GLU A 119 24.35 4.69 15.40
C GLU A 119 24.99 5.76 14.56
N LEU A 120 24.53 5.94 13.32
CA LEU A 120 25.11 6.91 12.40
C LEU A 120 24.52 8.32 12.55
N ASN A 121 23.61 8.48 13.52
CA ASN A 121 22.85 9.72 13.71
C ASN A 121 22.18 10.20 12.43
N ASP A 122 21.64 9.25 11.66
CA ASP A 122 20.94 9.55 10.41
C ASP A 122 19.45 9.63 10.73
N LYS A 123 18.96 10.85 10.92
CA LYS A 123 17.55 11.09 11.28
C LYS A 123 16.57 10.73 10.17
N VAL A 124 16.97 10.97 8.92
CA VAL A 124 16.11 10.67 7.77
C VAL A 124 15.92 9.15 7.66
N GLY A 125 17.03 8.40 7.70
CA GLY A 125 16.97 6.93 7.72
C GLY A 125 16.25 6.38 8.93
N GLU A 126 16.53 6.93 10.11
CA GLU A 126 15.85 6.49 11.31
C GLU A 126 14.34 6.56 11.11
N ALA A 127 13.86 7.70 10.65
CA ALA A 127 12.43 7.90 10.42
C ALA A 127 11.88 6.87 9.44
N ARG A 128 12.56 6.72 8.30
CA ARG A 128 12.10 5.76 7.31
C ARG A 128 12.01 4.35 7.87
N ALA A 129 13.01 3.94 8.64
CA ALA A 129 12.99 2.63 9.30
C ALA A 129 11.83 2.46 10.27
N LEU A 130 11.46 3.50 10.99
CA LEU A 130 10.29 3.40 11.90
C LEU A 130 8.97 3.19 11.12
N TYR A 131 8.79 3.91 10.02
CA TYR A 131 7.65 3.64 9.13
C TYR A 131 7.63 2.17 8.65
N ASN A 132 8.76 1.68 8.16
CA ASN A 132 8.88 0.26 7.73
C ASN A 132 8.49 -0.73 8.81
N LEU A 133 8.98 -0.48 10.02
CA LEU A 133 8.68 -1.35 11.13
C LEU A 133 7.20 -1.31 11.49
N GLY A 134 6.62 -0.12 11.47
CA GLY A 134 5.19 -0.01 11.68
C GLY A 134 4.46 -0.87 10.67
N ASN A 135 4.86 -0.77 9.41
CA ASN A 135 4.25 -1.57 8.36
C ASN A 135 4.37 -3.08 8.61
N VAL A 136 5.55 -3.55 9.00
CA VAL A 136 5.73 -4.98 9.22
C VAL A 136 4.84 -5.46 10.38
N TYR A 137 4.82 -4.73 11.49
CA TYR A 137 4.01 -5.16 12.62
C TYR A 137 2.52 -5.12 12.30
N HIS A 138 2.12 -4.13 11.51
CA HIS A 138 0.75 -4.05 11.04
C HIS A 138 0.45 -5.29 10.22
N ALA A 139 1.30 -5.65 9.26
CA ALA A 139 1.01 -6.81 8.40
C ALA A 139 1.01 -8.09 9.24
N LYS A 140 1.95 -8.20 10.17
CA LYS A 140 2.02 -9.36 11.04
C LYS A 140 0.77 -9.51 11.88
N GLY A 141 0.31 -8.42 12.50
CA GLY A 141 -0.95 -8.50 13.27
C GLY A 141 -2.16 -8.83 12.42
N LYS A 142 -2.25 -8.20 11.27
CA LYS A 142 -3.38 -8.40 10.36
C LYS A 142 -3.41 -9.81 9.74
N SER A 143 -2.26 -10.46 9.59
CA SER A 143 -2.22 -11.79 8.95
C SER A 143 -2.84 -12.93 9.79
N PHE A 144 -2.95 -12.73 11.12
CA PHE A 144 -3.53 -13.72 12.03
C PHE A 144 -4.93 -14.19 11.58
N PHE A 155 -8.84 -10.28 19.69
CA PHE A 155 -7.51 -10.73 19.32
C PHE A 155 -6.80 -11.45 20.45
N PRO A 156 -5.98 -12.46 20.12
CA PRO A 156 -4.98 -12.93 21.07
C PRO A 156 -4.11 -11.79 21.50
N GLU A 157 -3.58 -11.86 22.71
CA GLU A 157 -2.74 -10.81 23.22
C GLU A 157 -1.53 -10.47 22.30
N GLU A 158 -0.89 -11.48 21.71
CA GLU A 158 0.31 -11.23 20.88
C GLU A 158 -0.06 -10.49 19.60
N VAL A 159 -1.26 -10.72 19.09
CA VAL A 159 -1.76 -10.02 17.94
C VAL A 159 -2.07 -8.55 18.27
N ARG A 160 -2.76 -8.32 19.38
CA ARG A 160 -2.98 -6.96 19.84
C ARG A 160 -1.65 -6.27 20.07
N ASP A 161 -0.67 -6.99 20.63
CA ASP A 161 0.64 -6.37 20.87
C ASP A 161 1.37 -6.01 19.55
N ALA A 162 1.25 -6.83 18.53
CA ALA A 162 1.89 -6.50 17.27
C ALA A 162 1.24 -5.21 16.70
N LEU A 163 -0.07 -5.10 16.76
CA LEU A 163 -0.76 -3.93 16.24
C LEU A 163 -0.44 -2.70 17.04
N GLN A 164 -0.35 -2.85 18.37
CA GLN A 164 -0.01 -1.72 19.23
C GLN A 164 1.42 -1.25 19.01
N ALA A 165 2.31 -2.19 18.69
CA ALA A 165 3.70 -1.81 18.40
C ALA A 165 3.75 -1.01 17.09
N ALA A 166 2.90 -1.38 16.15
CA ALA A 166 2.77 -0.63 14.88
C ALA A 166 2.35 0.83 15.13
N VAL A 167 1.25 1.03 15.88
CA VAL A 167 0.86 2.35 16.37
C VAL A 167 2.05 3.14 16.94
N ASP A 168 2.78 2.52 17.86
CA ASP A 168 3.92 3.20 18.48
C ASP A 168 4.97 3.56 17.48
N PHE A 169 5.26 2.66 16.54
CA PHE A 169 6.27 2.95 15.51
C PHE A 169 5.83 4.11 14.62
N TYR A 170 4.55 4.13 14.22
CA TYR A 170 4.04 5.22 13.39
C TYR A 170 4.05 6.56 14.14
N GLU A 171 3.69 6.54 15.41
CA GLU A 171 3.75 7.76 16.20
C GLU A 171 5.16 8.27 16.35
N GLU A 172 6.12 7.37 16.57
CA GLU A 172 7.53 7.78 16.65
C GLU A 172 7.98 8.36 15.35
N ASN A 173 7.60 7.71 14.24
CA ASN A 173 7.90 8.28 12.93
C ASN A 173 7.31 9.68 12.77
N LEU A 174 6.05 9.83 13.11
CA LEU A 174 5.38 11.12 12.92
C LEU A 174 6.09 12.23 13.66
N SER A 175 6.62 11.89 14.84
CA SER A 175 7.35 12.81 15.67
C SER A 175 8.63 13.30 14.98
N LEU A 176 9.40 12.38 14.39
CA LEU A 176 10.62 12.77 13.70
C LEU A 176 10.36 13.49 12.41
N VAL A 177 9.38 13.03 11.63
CA VAL A 177 9.17 13.68 10.33
C VAL A 177 8.49 15.05 10.47
N THR A 178 7.83 15.28 11.60
CA THR A 178 7.39 16.64 11.97
C THR A 178 8.61 17.56 12.16
N ALA A 179 9.61 17.14 12.93
CA ALA A 179 10.90 17.90 13.04
C ALA A 179 11.58 18.13 11.70
N LEU A 180 11.59 17.11 10.85
CA LEU A 180 12.20 17.20 9.52
C LEU A 180 11.39 18.00 8.50
N GLY A 181 10.14 18.32 8.81
CA GLY A 181 9.28 19.01 7.84
C GLY A 181 8.94 18.20 6.59
N ASP A 182 8.77 16.88 6.76
CA ASP A 182 8.55 15.98 5.62
C ASP A 182 7.06 15.59 5.55
N ARG A 183 6.32 16.33 4.74
CA ARG A 183 4.87 16.21 4.67
C ARG A 183 4.42 14.93 4.00
N ALA A 184 5.13 14.50 2.96
CA ALA A 184 4.75 13.24 2.29
C ALA A 184 4.90 12.04 3.25
N ALA A 185 5.97 12.03 4.05
CA ALA A 185 6.14 10.99 5.07
C ALA A 185 5.00 11.02 6.11
N GLN A 186 4.58 12.22 6.54
CA GLN A 186 3.45 12.32 7.46
C GLN A 186 2.22 11.70 6.83
N GLY A 187 2.01 11.99 5.54
CA GLY A 187 0.86 11.44 4.80
C GLY A 187 0.80 9.94 4.88
N ARG A 188 1.93 9.31 4.59
CA ARG A 188 2.02 7.84 4.63
C ARG A 188 1.75 7.29 6.06
N ALA A 189 2.41 7.86 7.05
CA ALA A 189 2.25 7.40 8.43
C ALA A 189 0.82 7.57 8.90
N PHE A 190 0.22 8.72 8.64
CA PHE A 190 -1.15 8.97 9.10
C PHE A 190 -2.09 7.95 8.51
N GLY A 191 -1.93 7.62 7.22
CA GLY A 191 -2.82 6.65 6.61
C GLY A 191 -2.68 5.26 7.20
N ASN A 192 -1.46 4.77 7.33
CA ASN A 192 -1.30 3.43 7.86
C ASN A 192 -1.61 3.34 9.38
N LEU A 193 -1.36 4.43 10.09
CA LEU A 193 -1.75 4.52 11.50
C LEU A 193 -3.27 4.44 11.63
N GLY A 194 -3.98 5.14 10.75
CA GLY A 194 -5.43 5.09 10.79
C GLY A 194 -5.97 3.70 10.53
N ASN A 195 -5.38 2.99 9.57
CA ASN A 195 -5.77 1.59 9.32
C ASN A 195 -5.46 0.68 10.51
N THR A 196 -4.37 0.95 11.21
CA THR A 196 -3.98 0.13 12.39
C THR A 196 -4.97 0.39 13.55
N HIS A 197 -5.31 1.66 13.79
CA HIS A 197 -6.39 1.99 14.72
C HIS A 197 -7.71 1.31 14.36
N TYR A 198 -8.05 1.29 13.08
CA TYR A 198 -9.26 0.60 12.63
C TYR A 198 -9.25 -0.90 13.01
N LEU A 199 -8.12 -1.57 12.79
CA LEU A 199 -8.03 -2.99 13.10
C LEU A 199 -8.14 -3.24 14.60
N LEU A 200 -7.58 -2.34 15.39
CA LEU A 200 -7.67 -2.40 16.85
C LEU A 200 -9.05 -2.01 17.42
N GLY A 201 -9.96 -1.53 16.60
CA GLY A 201 -11.27 -1.08 17.08
C GLY A 201 -11.27 0.33 17.64
N ASN A 202 -10.18 1.08 17.46
CA ASN A 202 -10.16 2.47 17.87
C ASN A 202 -10.67 3.34 16.72
N PHE A 203 -11.98 3.34 16.52
CA PHE A 203 -12.55 3.94 15.33
C PHE A 203 -12.47 5.47 15.30
N ARG A 204 -12.65 6.13 16.45
CA ARG A 204 -12.47 7.57 16.51
C ARG A 204 -11.05 7.98 16.17
N ASP A 205 -10.06 7.24 16.69
CA ASP A 205 -8.68 7.52 16.37
C ASP A 205 -8.37 7.26 14.88
N ALA A 206 -9.02 6.29 14.28
CA ALA A 206 -8.84 6.05 12.84
C ALA A 206 -9.28 7.27 12.02
N VAL A 207 -10.45 7.82 12.34
CA VAL A 207 -10.94 9.05 11.68
C VAL A 207 -9.96 10.20 11.82
N ILE A 208 -9.45 10.42 13.03
CA ILE A 208 -8.51 11.50 13.25
C ILE A 208 -7.30 11.32 12.33
N ALA A 209 -6.76 10.11 12.27
CA ALA A 209 -5.57 9.85 11.45
C ALA A 209 -5.94 10.04 9.98
N HIS A 210 -7.05 9.48 9.54
CA HIS A 210 -7.38 9.65 8.10
C HIS A 210 -7.73 11.08 7.70
N GLU A 211 -8.28 11.85 8.63
CA GLU A 211 -8.48 13.28 8.41
C GLU A 211 -7.20 14.00 8.14
N GLN A 212 -6.13 13.67 8.90
CA GLN A 212 -4.83 14.31 8.65
C GLN A 212 -4.28 13.87 7.30
N ARG A 213 -4.48 12.60 6.98
CA ARG A 213 -4.01 12.05 5.72
C ARG A 213 -4.71 12.74 4.54
N LEU A 214 -6.01 12.91 4.69
CA LEU A 214 -6.84 13.64 3.70
C LEU A 214 -6.32 15.04 3.46
N LEU A 215 -6.01 15.76 4.53
CA LEU A 215 -5.53 17.12 4.43
C LEU A 215 -4.22 17.17 3.65
N ILE A 216 -3.33 16.23 3.95
CA ILE A 216 -2.05 16.19 3.27
C ILE A 216 -2.26 15.81 1.77
N ALA A 217 -3.13 14.85 1.49
CA ALA A 217 -3.45 14.50 0.09
C ALA A 217 -3.91 15.72 -0.72
N LYS A 218 -4.77 16.53 -0.11
CA LYS A 218 -5.24 17.75 -0.75
C LYS A 218 -4.13 18.70 -0.99
N GLU A 219 -3.20 18.81 -0.04
CA GLU A 219 -2.09 19.74 -0.16
C GLU A 219 -1.15 19.38 -1.34
N PHE A 220 -1.00 18.08 -1.62
CA PHE A 220 -0.13 17.64 -2.70
C PHE A 220 -0.91 17.55 -4.03
N GLY A 221 -2.22 17.74 -3.99
CA GLY A 221 -3.04 17.51 -5.17
C GLY A 221 -3.08 16.04 -5.54
N ASP A 222 -2.88 15.17 -4.56
CA ASP A 222 -2.78 13.74 -4.83
C ASP A 222 -4.18 13.16 -4.80
N LYS A 223 -4.78 13.02 -5.97
CA LYS A 223 -6.20 12.67 -6.10
C LYS A 223 -6.52 11.26 -5.65
N ALA A 224 -5.59 10.33 -5.88
CA ALA A 224 -5.78 8.96 -5.46
C ALA A 224 -5.64 8.81 -3.94
N ALA A 225 -4.69 9.52 -3.34
CA ALA A 225 -4.56 9.54 -1.87
C ALA A 225 -5.82 10.17 -1.27
N GLU A 226 -6.31 11.25 -1.87
CA GLU A 226 -7.56 11.88 -1.41
C GLU A 226 -8.70 10.86 -1.43
N ARG A 227 -8.79 10.11 -2.53
CA ARG A 227 -9.82 9.12 -2.69
C ARG A 227 -9.69 7.96 -1.69
N ARG A 228 -8.46 7.51 -1.44
CA ARG A 228 -8.21 6.49 -0.41
C ARG A 228 -8.73 6.95 0.95
N ALA A 229 -8.39 8.18 1.31
CA ALA A 229 -8.74 8.71 2.63
C ALA A 229 -10.25 8.81 2.82
N TYR A 230 -10.97 9.27 1.79
CA TYR A 230 -12.45 9.35 1.90
C TYR A 230 -13.03 7.99 2.14
N SER A 231 -12.48 7.04 1.41
CA SER A 231 -12.93 5.71 1.49
C SER A 231 -12.63 5.09 2.84
N ASN A 232 -11.42 5.29 3.36
CA ASN A 232 -11.09 4.78 4.69
C ASN A 232 -11.93 5.47 5.77
N LEU A 233 -12.20 6.76 5.60
CA LEU A 233 -13.06 7.49 6.56
C LEU A 233 -14.47 6.90 6.56
N GLY A 234 -15.01 6.65 5.37
CA GLY A 234 -16.30 5.93 5.22
C GLY A 234 -16.39 4.63 6.01
N ASN A 235 -15.37 3.79 5.88
CA ASN A 235 -15.30 2.52 6.58
C ASN A 235 -15.30 2.67 8.11
N ALA A 236 -14.53 3.63 8.62
CA ALA A 236 -14.49 3.89 10.07
C ALA A 236 -15.86 4.35 10.60
N TYR A 237 -16.53 5.21 9.85
CA TYR A 237 -17.85 5.72 10.29
C TYR A 237 -18.95 4.64 10.30
N ILE A 238 -18.88 3.68 9.39
CA ILE A 238 -19.77 2.50 9.45
C ILE A 238 -19.68 1.81 10.82
N PHE A 239 -18.46 1.53 11.28
CA PHE A 239 -18.28 0.84 12.56
C PHE A 239 -18.55 1.73 13.75
N LEU A 240 -18.64 3.04 13.53
CA LEU A 240 -19.09 3.96 14.58
C LEU A 240 -20.62 4.11 14.62
N GLY A 241 -21.33 3.39 13.77
CA GLY A 241 -22.80 3.48 13.71
C GLY A 241 -23.30 4.75 13.06
N GLU A 242 -22.40 5.50 12.41
CA GLU A 242 -22.75 6.77 11.79
C GLU A 242 -22.86 6.59 10.29
N PHE A 243 -23.98 5.98 9.88
CA PHE A 243 -24.14 5.49 8.53
C PHE A 243 -24.35 6.61 7.52
N GLU A 244 -25.06 7.66 7.95
CA GLU A 244 -25.34 8.79 7.08
C GLU A 244 -24.04 9.49 6.73
N THR A 245 -23.22 9.81 7.74
CA THR A 245 -21.91 10.39 7.50
C THR A 245 -21.06 9.49 6.60
N ALA A 246 -21.15 8.18 6.81
CA ALA A 246 -20.37 7.26 5.99
C ALA A 246 -20.79 7.32 4.52
N SER A 247 -22.10 7.35 4.26
CA SER A 247 -22.60 7.49 2.88
C SER A 247 -22.08 8.78 2.24
N GLU A 248 -22.02 9.84 3.03
CA GLU A 248 -21.52 11.12 2.51
C GLU A 248 -20.07 11.03 2.01
N TYR A 249 -19.23 10.27 2.73
CA TYR A 249 -17.85 10.06 2.29
C TYR A 249 -17.75 9.18 1.05
N TYR A 250 -18.55 8.13 0.98
CA TYR A 250 -18.58 7.32 -0.22
C TYR A 250 -19.11 8.09 -1.44
N LYS A 251 -19.95 9.09 -1.21
CA LYS A 251 -20.35 10.00 -2.30
C LYS A 251 -19.17 10.80 -2.81
N LYS A 252 -18.28 11.23 -1.91
CA LYS A 252 -17.09 11.95 -2.34
C LYS A 252 -16.15 11.05 -3.17
N THR A 253 -16.06 9.77 -2.82
CA THR A 253 -15.14 8.86 -3.53
C THR A 253 -15.66 8.58 -4.92
N LEU A 254 -16.98 8.42 -5.03
CA LEU A 254 -17.64 8.21 -6.33
C LEU A 254 -17.36 9.39 -7.26
N LEU A 255 -17.68 10.59 -6.79
CA LEU A 255 -17.42 11.79 -7.59
C LEU A 255 -15.96 11.81 -8.04
N LEU A 256 -15.04 11.48 -7.13
CA LEU A 256 -13.61 11.39 -7.50
C LEU A 256 -13.28 10.22 -8.44
N ALA A 257 -13.97 9.11 -8.28
CA ALA A 257 -13.76 7.95 -9.14
C ALA A 257 -14.02 8.35 -10.59
N ARG A 258 -15.18 8.97 -10.82
CA ARG A 258 -15.57 9.42 -12.16
C ARG A 258 -14.57 10.43 -12.74
N GLN A 259 -14.35 11.52 -12.02
CA GLN A 259 -13.27 12.46 -12.36
C GLN A 259 -12.02 11.74 -12.88
N LEU A 260 -11.48 10.85 -12.05
CA LEU A 260 -10.25 10.12 -12.37
C LEU A 260 -10.41 9.11 -13.50
N LYS A 261 -11.66 8.87 -13.91
CA LYS A 261 -11.97 7.84 -14.90
C LYS A 261 -11.39 6.50 -14.45
N ASP A 262 -11.61 6.17 -13.17
CA ASP A 262 -11.26 4.86 -12.63
C ASP A 262 -12.53 4.03 -12.54
N ARG A 263 -12.56 2.94 -13.29
CA ARG A 263 -13.77 2.12 -13.44
C ARG A 263 -14.01 1.23 -12.22
N ALA A 264 -12.95 0.56 -11.77
CA ALA A 264 -13.02 -0.33 -10.60
C ALA A 264 -13.39 0.45 -9.33
N VAL A 265 -12.65 1.51 -9.06
CA VAL A 265 -12.88 2.36 -7.87
C VAL A 265 -14.32 2.91 -7.85
N GLU A 266 -14.82 3.31 -9.03
CA GLU A 266 -16.22 3.77 -9.14
C GLU A 266 -17.19 2.68 -8.73
N ALA A 267 -16.89 1.45 -9.11
CA ALA A 267 -17.75 0.29 -8.81
C ALA A 267 -17.79 -0.02 -7.31
N GLN A 268 -16.64 0.08 -6.64
CA GLN A 268 -16.56 -0.13 -5.19
C GLN A 268 -17.44 0.87 -4.43
N SER A 269 -17.31 2.15 -4.77
CA SER A 269 -18.10 3.23 -4.14
C SER A 269 -19.60 2.95 -4.22
N CYS A 270 -20.05 2.51 -5.39
CA CYS A 270 -21.46 2.17 -5.59
C CYS A 270 -21.87 1.02 -4.68
N TYR A 271 -21.06 -0.03 -4.66
CA TYR A 271 -21.29 -1.16 -3.76
C TYR A 271 -21.36 -0.69 -2.30
N SER A 272 -20.35 0.07 -1.89
CA SER A 272 -20.28 0.59 -0.52
C SER A 272 -21.53 1.39 -0.17
N LEU A 273 -22.00 2.23 -1.09
CA LEU A 273 -23.22 3.00 -0.85
C LEU A 273 -24.44 2.09 -0.75
N GLY A 274 -24.48 1.07 -1.60
CA GLY A 274 -25.55 0.07 -1.52
C GLY A 274 -25.68 -0.52 -0.13
N ASN A 275 -24.55 -0.98 0.42
CA ASN A 275 -24.53 -1.55 1.76
C ASN A 275 -24.92 -0.55 2.83
N THR A 276 -24.50 0.70 2.65
CA THR A 276 -24.72 1.72 3.66
C THR A 276 -26.22 2.10 3.77
N TYR A 277 -26.90 2.19 2.64
CA TYR A 277 -28.35 2.44 2.68
C TYR A 277 -29.10 1.26 3.28
N THR A 278 -28.67 0.04 2.97
CA THR A 278 -29.24 -1.14 3.61
C THR A 278 -29.20 -1.00 5.13
N LEU A 279 -28.06 -0.55 5.67
CA LEU A 279 -27.94 -0.32 7.12
C LEU A 279 -28.85 0.83 7.58
N LEU A 280 -29.03 1.83 6.73
CA LEU A 280 -30.00 2.91 6.99
C LEU A 280 -31.44 2.45 6.77
N GLN A 281 -31.61 1.38 5.98
CA GLN A 281 -32.92 0.80 5.61
C GLN A 281 -33.62 1.58 4.50
N ASP A 282 -32.84 2.29 3.68
CA ASP A 282 -33.35 2.95 2.48
C ASP A 282 -33.10 2.04 1.27
N TYR A 283 -34.02 1.11 1.04
CA TYR A 283 -33.77 0.03 0.09
C TYR A 283 -33.78 0.45 -1.39
N GLU A 284 -34.50 1.53 -1.72
CA GLU A 284 -34.54 2.02 -3.10
C GLU A 284 -33.16 2.51 -3.58
N LYS A 285 -32.50 3.33 -2.76
CA LYS A 285 -31.15 3.82 -3.07
C LYS A 285 -30.16 2.65 -3.15
N ALA A 286 -30.25 1.75 -2.18
CA ALA A 286 -29.42 0.52 -2.21
C ALA A 286 -29.48 -0.16 -3.57
N ILE A 287 -30.70 -0.41 -4.05
CA ILE A 287 -30.91 -1.02 -5.36
C ILE A 287 -30.18 -0.21 -6.42
N ASP A 288 -30.39 1.10 -6.39
CA ASP A 288 -29.87 2.00 -7.42
C ASP A 288 -28.36 1.80 -7.61
N TYR A 289 -27.60 1.94 -6.52
CA TYR A 289 -26.14 1.89 -6.60
C TYR A 289 -25.62 0.48 -6.89
N HIS A 290 -26.27 -0.54 -6.34
CA HIS A 290 -25.92 -1.93 -6.65
C HIS A 290 -25.99 -2.22 -8.16
N LEU A 291 -27.05 -1.72 -8.82
CA LEU A 291 -27.19 -1.85 -10.27
C LEU A 291 -25.99 -1.22 -11.01
N LYS A 292 -25.55 -0.05 -10.55
CA LYS A 292 -24.43 0.66 -11.19
C LYS A 292 -23.12 -0.13 -11.02
N HIS A 293 -22.98 -0.76 -9.85
CA HIS A 293 -21.86 -1.66 -9.59
C HIS A 293 -21.94 -2.91 -10.48
N LEU A 294 -23.11 -3.54 -10.51
CA LEU A 294 -23.33 -4.70 -11.40
C LEU A 294 -22.87 -4.39 -12.82
N ALA A 295 -23.28 -3.24 -13.32
CA ALA A 295 -22.95 -2.81 -14.68
C ALA A 295 -21.44 -2.76 -14.92
N ILE A 296 -20.72 -1.99 -14.12
CA ILE A 296 -19.27 -1.81 -14.31
C ILE A 296 -18.47 -3.10 -14.08
N ALA A 297 -18.98 -4.00 -13.24
CA ALA A 297 -18.31 -5.26 -12.93
C ALA A 297 -18.24 -6.19 -14.16
N GLN A 298 -19.31 -6.21 -14.95
CA GLN A 298 -19.33 -6.96 -16.22
C GLN A 298 -18.25 -6.40 -17.13
N GLU A 299 -18.28 -5.08 -17.30
CA GLU A 299 -17.37 -4.35 -18.18
C GLU A 299 -15.89 -4.69 -17.94
N LEU A 300 -15.48 -4.70 -16.68
CA LEU A 300 -14.08 -4.95 -16.32
C LEU A 300 -13.70 -6.45 -16.36
N ASN A 301 -14.65 -7.30 -16.75
CA ASN A 301 -14.48 -8.75 -16.68
C ASN A 301 -14.32 -9.23 -15.24
N ASP A 302 -15.07 -8.61 -14.32
CA ASP A 302 -15.06 -8.97 -12.92
C ASP A 302 -16.26 -9.86 -12.62
N ARG A 303 -16.04 -11.17 -12.68
CA ARG A 303 -17.09 -12.16 -12.45
C ARG A 303 -17.46 -12.24 -10.97
N ILE A 304 -16.45 -12.22 -10.10
CA ILE A 304 -16.65 -12.24 -8.65
C ILE A 304 -17.58 -11.10 -8.22
N GLY A 305 -17.31 -9.89 -8.73
CA GLY A 305 -18.15 -8.73 -8.46
C GLY A 305 -19.60 -8.91 -8.88
N GLU A 306 -19.80 -9.48 -10.06
CA GLU A 306 -21.14 -9.69 -10.64
C GLU A 306 -22.04 -10.53 -9.73
N GLY A 307 -21.47 -11.57 -9.13
CA GLY A 307 -22.20 -12.43 -8.21
C GLY A 307 -22.64 -11.66 -6.96
N ARG A 308 -21.68 -10.96 -6.35
CA ARG A 308 -21.93 -10.17 -5.14
C ARG A 308 -23.10 -9.20 -5.32
N ALA A 309 -23.10 -8.49 -6.45
CA ALA A 309 -24.19 -7.58 -6.79
C ALA A 309 -25.53 -8.32 -6.81
N CYS A 310 -25.54 -9.47 -7.48
CA CYS A 310 -26.74 -10.30 -7.58
C CYS A 310 -27.29 -10.69 -6.20
N TRP A 311 -26.40 -11.14 -5.31
CA TRP A 311 -26.79 -11.50 -3.94
C TRP A 311 -27.31 -10.27 -3.16
N SER A 312 -26.58 -9.16 -3.25
CA SER A 312 -27.00 -7.91 -2.61
C SER A 312 -28.38 -7.48 -3.09
N LEU A 313 -28.56 -7.46 -4.40
CA LEU A 313 -29.84 -7.07 -5.02
C LEU A 313 -30.98 -8.01 -4.65
N GLY A 314 -30.68 -9.30 -4.51
CA GLY A 314 -31.69 -10.27 -4.08
C GLY A 314 -32.18 -10.01 -2.66
N ASN A 315 -31.28 -9.57 -1.79
CA ASN A 315 -31.61 -9.27 -0.40
C ASN A 315 -32.40 -7.99 -0.25
N ALA A 316 -32.04 -6.98 -1.06
CA ALA A 316 -32.73 -5.70 -1.05
C ALA A 316 -34.16 -5.84 -1.58
N TYR A 317 -34.31 -6.49 -2.74
CA TYR A 317 -35.65 -6.72 -3.32
C TYR A 317 -36.54 -7.56 -2.42
N THR A 318 -35.93 -8.48 -1.69
CA THR A 318 -36.66 -9.32 -0.71
C THR A 318 -37.15 -8.50 0.48
N ALA A 319 -36.33 -7.56 0.96
CA ALA A 319 -36.71 -6.70 2.10
C ALA A 319 -37.69 -5.60 1.66
N LEU A 320 -37.55 -5.18 0.40
CA LEU A 320 -38.40 -4.11 -0.14
C LEU A 320 -39.84 -4.60 -0.31
N GLY A 321 -39.99 -5.82 -0.81
CA GLY A 321 -41.32 -6.41 -1.05
C GLY A 321 -41.41 -7.15 -2.37
N ASN A 322 -40.56 -6.77 -3.33
CA ASN A 322 -40.55 -7.38 -4.66
C ASN A 322 -40.00 -8.81 -4.60
N HIS A 323 -40.88 -9.76 -4.29
CA HIS A 323 -40.51 -11.17 -4.17
C HIS A 323 -40.25 -11.85 -5.52
N ASP A 324 -40.50 -11.15 -6.62
CA ASP A 324 -40.26 -11.67 -7.97
C ASP A 324 -38.82 -11.43 -8.42
N GLN A 325 -38.36 -10.19 -8.27
CA GLN A 325 -37.01 -9.80 -8.69
C GLN A 325 -35.96 -10.41 -7.76
N ALA A 326 -36.30 -10.55 -6.48
CA ALA A 326 -35.46 -11.28 -5.53
C ALA A 326 -35.13 -12.65 -6.10
N MET A 327 -36.17 -13.42 -6.40
CA MET A 327 -36.02 -14.75 -7.00
C MET A 327 -35.22 -14.69 -8.31
N HIS A 328 -35.43 -13.66 -9.10
CA HIS A 328 -34.70 -13.52 -10.37
C HIS A 328 -33.21 -13.35 -10.16
N PHE A 329 -32.84 -12.50 -9.21
CA PHE A 329 -31.42 -12.23 -8.94
C PHE A 329 -30.74 -13.36 -8.18
N ALA A 330 -31.45 -13.97 -7.25
CA ALA A 330 -31.01 -15.23 -6.67
C ALA A 330 -30.78 -16.24 -7.79
N GLU A 331 -31.75 -16.33 -8.71
CA GLU A 331 -31.62 -17.18 -9.90
C GLU A 331 -30.34 -16.85 -10.67
N LYS A 332 -30.03 -15.56 -10.79
CA LYS A 332 -28.79 -15.11 -11.44
C LYS A 332 -27.56 -15.33 -10.55
N HIS A 333 -27.75 -15.36 -9.24
CA HIS A 333 -26.67 -15.63 -8.28
C HIS A 333 -26.20 -17.08 -8.36
N LEU A 334 -27.15 -18.01 -8.50
CA LEU A 334 -26.83 -19.43 -8.65
C LEU A 334 -26.05 -19.70 -9.95
N GLU A 335 -26.38 -18.97 -11.02
CA GLU A 335 -25.65 -19.09 -12.29
C GLU A 335 -24.21 -18.68 -12.14
N ILE A 336 -23.99 -17.43 -11.72
CA ILE A 336 -22.65 -16.88 -11.58
C ILE A 336 -21.79 -17.75 -10.67
N SER A 337 -22.35 -18.15 -9.53
CA SER A 337 -21.63 -18.98 -8.56
C SER A 337 -21.12 -20.27 -9.20
N ARG A 338 -21.97 -20.91 -10.00
CA ARG A 338 -21.54 -22.10 -10.75
C ARG A 338 -20.47 -21.71 -11.76
N GLU A 339 -20.72 -20.66 -12.53
CA GLU A 339 -19.78 -20.18 -13.56
C GLU A 339 -18.59 -19.47 -12.92
N ASP B 7 -15.20 -4.61 4.37
CA ASP B 7 -14.57 -3.26 4.20
C ASP B 7 -13.04 -3.33 4.33
N HIS B 8 -12.35 -3.43 3.19
CA HIS B 8 -10.89 -3.48 3.18
C HIS B 8 -10.29 -2.07 3.30
N MET B 9 -9.45 -1.87 4.33
CA MET B 9 -8.74 -0.59 4.49
CA MET B 9 -8.77 -0.59 4.48
C MET B 9 -7.66 -0.51 3.43
N GLU B 10 -7.55 0.64 2.77
CA GLU B 10 -6.51 0.80 1.76
C GLU B 10 -5.24 1.41 2.34
N MET B 11 -4.13 0.71 2.13
CA MET B 11 -2.86 1.03 2.75
C MET B 11 -2.11 2.04 1.90
N GLU B 12 -1.15 2.72 2.53
CA GLU B 12 -0.24 3.59 1.85
C GLU B 12 0.93 2.78 1.28
N PRO B 13 1.53 3.26 0.17
CA PRO B 13 2.71 2.57 -0.42
C PRO B 13 3.89 2.32 0.53
N GLU B 14 4.64 1.24 0.25
CA GLU B 14 5.94 1.07 0.89
C GLU B 14 6.88 2.10 0.25
N THR B 15 7.81 2.60 1.05
CA THR B 15 8.98 3.26 0.54
C THR B 15 10.06 2.20 0.34
N MET B 16 11.04 2.51 -0.49
CA MET B 16 12.26 1.72 -0.54
C MET B 16 13.40 2.72 -0.45
N GLU B 17 14.53 2.27 0.05
CA GLU B 17 15.75 3.04 0.06
C GLU B 17 16.44 2.91 -1.28
N THR B 18 17.08 3.99 -1.71
CA THR B 18 17.62 4.08 -3.05
C THR B 18 19.12 4.41 -3.01
N LYS B 19 19.83 3.87 -3.98
CA LYS B 19 21.25 4.11 -4.18
C LYS B 19 21.42 4.48 -5.65
N SER B 20 22.48 5.23 -5.96
CA SER B 20 22.80 5.54 -7.35
C SER B 20 24.29 5.37 -7.55
N VAL B 21 24.71 4.94 -8.74
CA VAL B 21 26.12 4.93 -9.10
C VAL B 21 26.73 6.35 -9.05
N THR B 22 25.88 7.37 -9.24
CA THR B 22 26.32 8.78 -9.19
C THR B 22 26.57 9.30 -7.78
N ASP B 23 26.23 8.52 -6.75
CA ASP B 23 26.49 8.93 -5.38
C ASP B 23 27.98 9.14 -5.14
N TYR B 24 28.82 8.55 -6.00
CA TYR B 24 30.26 8.49 -5.78
C TYR B 24 31.03 9.30 -6.85
N PHE B 25 30.29 10.10 -7.63
CA PHE B 25 30.92 11.06 -8.55
C PHE B 25 31.35 12.30 -7.78
#